data_1NRL
#
_entry.id   1NRL
#
_cell.length_a   85.097
_cell.length_b   89.478
_cell.length_c   106.665
_cell.angle_alpha   90.00
_cell.angle_beta   90.00
_cell.angle_gamma   90.00
#
_symmetry.space_group_name_H-M   'P 21 21 21'
#
loop_
_entity.id
_entity.type
_entity.pdbx_description
1 polymer 'Orphan nuclear receptor PXR'
2 polymer 'Nuclear Receptor Coactivator 1 isoform 3'
3 non-polymer '[2-(3,5-DI-TERT-BUTYL-4-HYDROXY-PHENYL)-1-(DIETHOXY-PHOSPHORYL)-VINYL]-PHOSPHONIC ACID DIETHLYL ESTER'
4 water water
#
loop_
_entity_poly.entity_id
_entity_poly.type
_entity_poly.pdbx_seq_one_letter_code
_entity_poly.pdbx_strand_id
1 'polypeptide(L)'
;MKKGHHHHHHGSERTGTQPLGVQGLTEEQRMMIRELMDAQMKTFDTTFSHFKNFRLPGVLSSGCELPESLQAPSREEAAK
WSQVRKDLCSLKVSLQLRGEDGSVWNYKPPADSGGKEIFSLLPHMADMSTYMFKGIISFAKVISYFRDLPIEDQISLLKG
AAFELCQLRFNTVFNAETGTWECGRLSYCLEDTAGGFQQLLLEPMLKFHYMLKKLQLHEEEYVLMQAISLFSPDRPGVLQ
HRVVDQLQEQFAITLKSYIECNRPQPAHRFLFLKIMAMLTELRSINAQHTQRLLRIQDIHPFATPLMQELFGITGS
;
A,B
2 'polypeptide(L)' CPSSHSSLTERHKILHRLLQEGSPS C,D
#
loop_
_chem_comp.id
_chem_comp.type
_chem_comp.name
_chem_comp.formula
SRL non-polymer '[2-(3,5-DI-TERT-BUTYL-4-HYDROXY-PHENYL)-1-(DIETHOXY-PHOSPHORYL)-VINYL]-PHOSPHONIC ACID DIETHLYL ESTER' 'C24 H42 O7 P2'
#
# COMPACT_ATOMS: atom_id res chain seq x y z
N GLY A 24 8.80 47.40 22.04
CA GLY A 24 8.59 45.97 22.44
C GLY A 24 7.14 45.67 22.75
N LEU A 25 6.88 44.45 23.22
CA LEU A 25 5.53 44.02 23.55
C LEU A 25 5.27 44.26 25.02
N THR A 26 4.01 44.53 25.39
CA THR A 26 3.68 44.76 26.78
C THR A 26 3.88 43.43 27.51
N GLU A 27 4.05 43.49 28.82
CA GLU A 27 4.24 42.27 29.59
C GLU A 27 3.04 41.35 29.38
N GLU A 28 1.85 41.93 29.42
CA GLU A 28 0.62 41.17 29.24
C GLU A 28 0.59 40.45 27.89
N GLN A 29 1.03 41.13 26.84
CA GLN A 29 1.06 40.53 25.50
C GLN A 29 2.06 39.38 25.50
N ARG A 30 3.17 39.56 26.22
CA ARG A 30 4.18 38.51 26.29
C ARG A 30 3.62 37.27 26.97
N MET A 31 2.81 37.49 28.00
CA MET A 31 2.19 36.40 28.76
C MET A 31 1.15 35.68 27.92
N MET A 32 0.41 36.46 27.12
CA MET A 32 -0.63 35.90 26.26
C MET A 32 0.00 34.96 25.24
N ILE A 33 1.09 35.40 24.63
CA ILE A 33 1.79 34.58 23.64
C ILE A 33 2.36 33.32 24.31
N ARG A 34 2.97 33.49 25.48
CA ARG A 34 3.55 32.35 26.19
C ARG A 34 2.49 31.29 26.50
N GLU A 35 1.31 31.73 26.96
CA GLU A 35 0.26 30.78 27.26
C GLU A 35 -0.16 30.04 26.00
N LEU A 36 -0.22 30.77 24.88
CA LEU A 36 -0.61 30.18 23.60
C LEU A 36 0.43 29.16 23.14
N MET A 37 1.71 29.52 23.21
CA MET A 37 2.78 28.62 22.81
C MET A 37 2.82 27.38 23.71
N ASP A 38 2.56 27.58 25.00
CA ASP A 38 2.54 26.48 25.97
C ASP A 38 1.45 25.50 25.55
N ALA A 39 0.29 26.04 25.22
CA ALA A 39 -0.85 25.24 24.79
C ALA A 39 -0.52 24.46 23.52
N GLN A 40 0.08 25.14 22.55
CA GLN A 40 0.44 24.52 21.30
C GLN A 40 1.43 23.37 21.52
N MET A 41 2.50 23.63 22.27
CA MET A 41 3.50 22.60 22.51
C MET A 41 2.94 21.41 23.27
N LYS A 42 2.00 21.66 24.17
CA LYS A 42 1.40 20.59 24.96
C LYS A 42 0.33 19.78 24.23
N THR A 43 -0.21 20.31 23.14
CA THR A 43 -1.29 19.64 22.43
C THR A 43 -1.13 19.38 20.93
N PHE A 44 0.00 19.80 20.36
CA PHE A 44 0.24 19.58 18.93
C PHE A 44 1.34 18.53 18.76
N ASP A 45 0.92 17.32 18.42
CA ASP A 45 1.82 16.18 18.18
C ASP A 45 2.39 16.37 16.76
N THR A 46 3.39 17.24 16.63
CA THR A 46 3.96 17.54 15.32
C THR A 46 4.60 16.37 14.58
N THR A 47 4.98 15.32 15.30
CA THR A 47 5.58 14.16 14.66
C THR A 47 4.52 13.08 14.52
N PHE A 48 3.29 13.38 14.94
CA PHE A 48 2.17 12.46 14.86
C PHE A 48 2.56 11.09 15.40
N SER A 49 3.44 11.07 16.40
CA SER A 49 3.88 9.81 16.98
C SER A 49 2.79 9.06 17.73
N HIS A 50 1.73 9.78 18.12
CA HIS A 50 0.66 9.13 18.86
C HIS A 50 -0.57 8.83 18.02
N PHE A 51 -0.45 9.00 16.70
CA PHE A 51 -1.56 8.70 15.81
C PHE A 51 -1.39 7.29 15.25
N LYS A 52 -2.22 6.37 15.71
CA LYS A 52 -2.17 4.99 15.24
C LYS A 52 -3.55 4.32 15.35
N ASN A 53 -3.65 3.08 14.87
CA ASN A 53 -4.92 2.35 14.93
C ASN A 53 -5.98 2.94 13.98
N PHE A 54 -5.52 3.63 12.95
CA PHE A 54 -6.41 4.25 11.97
C PHE A 54 -6.74 3.33 10.80
N ARG A 55 -7.81 3.65 10.09
CA ARG A 55 -8.23 2.85 8.95
C ARG A 55 -7.43 3.22 7.69
N LEU A 56 -7.32 2.26 6.78
CA LEU A 56 -6.63 2.45 5.52
C LEU A 56 -7.49 1.87 4.41
N PRO A 57 -7.41 2.44 3.20
CA PRO A 57 -8.24 1.86 2.13
C PRO A 57 -7.91 0.39 1.95
N GLY A 58 -8.95 -0.43 1.82
CA GLY A 58 -8.74 -1.86 1.65
C GLY A 58 -7.95 -2.20 0.41
N VAL A 59 -7.65 -3.48 0.25
CA VAL A 59 -6.90 -3.96 -0.90
C VAL A 59 -7.66 -5.09 -1.59
N SER A 74 -34.70 9.04 -7.68
CA SER A 74 -33.40 8.77 -8.27
C SER A 74 -32.84 10.03 -8.92
N ARG A 75 -33.68 10.72 -9.69
CA ARG A 75 -33.27 11.95 -10.35
C ARG A 75 -32.54 12.83 -9.34
N GLU A 76 -33.18 13.05 -8.20
CA GLU A 76 -32.60 13.86 -7.14
C GLU A 76 -31.29 13.22 -6.66
N GLU A 77 -31.32 11.91 -6.41
CA GLU A 77 -30.15 11.17 -5.96
C GLU A 77 -28.97 11.38 -6.90
N ALA A 78 -29.23 11.20 -8.20
CA ALA A 78 -28.18 11.38 -9.20
C ALA A 78 -27.59 12.77 -9.06
N ALA A 79 -28.45 13.76 -8.81
CA ALA A 79 -28.01 15.13 -8.64
C ALA A 79 -27.08 15.27 -7.43
N LYS A 80 -27.38 14.53 -6.37
CA LYS A 80 -26.56 14.55 -5.17
C LYS A 80 -25.17 14.02 -5.46
N TRP A 81 -25.12 12.85 -6.09
CA TRP A 81 -23.86 12.22 -6.45
C TRP A 81 -23.00 13.12 -7.34
N SER A 82 -23.66 13.75 -8.31
CA SER A 82 -22.96 14.64 -9.24
C SER A 82 -22.27 15.77 -8.48
N GLN A 83 -22.94 16.31 -7.47
CA GLN A 83 -22.35 17.38 -6.69
C GLN A 83 -21.23 16.83 -5.80
N VAL A 84 -21.47 15.67 -5.20
CA VAL A 84 -20.46 15.05 -4.34
C VAL A 84 -19.17 14.75 -5.09
N ARG A 85 -19.29 14.27 -6.33
CA ARG A 85 -18.09 13.99 -7.13
C ARG A 85 -17.29 15.28 -7.32
N LYS A 86 -18.00 16.39 -7.48
CA LYS A 86 -17.33 17.67 -7.65
C LYS A 86 -16.72 18.16 -6.34
N ASP A 87 -17.33 17.79 -5.22
CA ASP A 87 -16.84 18.18 -3.89
C ASP A 87 -15.48 17.59 -3.52
N LEU A 88 -15.05 16.53 -4.22
CA LEU A 88 -13.77 15.94 -3.87
C LEU A 88 -12.86 15.55 -5.02
N CYS A 89 -13.30 15.78 -6.26
CA CYS A 89 -12.48 15.43 -7.42
C CYS A 89 -11.18 16.24 -7.50
N SER A 90 -11.15 17.41 -6.87
CA SER A 90 -9.96 18.25 -6.91
C SER A 90 -9.22 18.33 -5.57
N LEU A 91 -9.56 17.42 -4.66
CA LEU A 91 -8.92 17.34 -3.34
C LEU A 91 -8.29 15.95 -3.16
N LYS A 92 -7.84 15.36 -4.26
CA LYS A 92 -7.26 14.04 -4.22
C LYS A 92 -5.81 14.01 -3.79
N VAL A 93 -5.46 13.02 -2.96
CA VAL A 93 -4.11 12.86 -2.49
C VAL A 93 -3.72 11.39 -2.45
N SER A 94 -2.43 11.13 -2.65
CA SER A 94 -1.90 9.78 -2.58
C SER A 94 -1.46 9.69 -1.13
N LEU A 95 -1.34 8.48 -0.60
CA LEU A 95 -0.93 8.31 0.79
C LEU A 95 0.31 7.44 0.89
N GLN A 96 1.27 7.87 1.72
CA GLN A 96 2.50 7.12 1.92
C GLN A 96 2.74 6.82 3.40
N LEU A 97 3.11 5.56 3.68
CA LEU A 97 3.39 5.09 5.04
C LEU A 97 4.80 4.53 5.13
N ARG A 98 5.65 5.18 5.91
CA ARG A 98 7.03 4.72 6.08
C ARG A 98 7.14 3.90 7.36
N GLY A 99 7.29 2.59 7.19
CA GLY A 99 7.41 1.71 8.34
C GLY A 99 8.71 1.90 9.10
N GLU A 100 8.73 1.41 10.35
CA GLU A 100 9.91 1.53 11.19
C GLU A 100 11.12 0.84 10.57
N ASP A 101 10.89 -0.32 9.96
CA ASP A 101 11.94 -1.09 9.33
C ASP A 101 12.52 -0.42 8.09
N GLY A 102 11.92 0.68 7.67
CA GLY A 102 12.42 1.37 6.49
C GLY A 102 11.65 1.05 5.22
N SER A 103 10.64 0.17 5.32
CA SER A 103 9.84 -0.17 4.15
C SER A 103 8.84 0.96 3.90
N VAL A 104 8.27 1.00 2.71
CA VAL A 104 7.31 2.05 2.36
C VAL A 104 6.09 1.55 1.59
N TRP A 105 4.91 1.86 2.12
CA TRP A 105 3.66 1.51 1.47
C TRP A 105 3.14 2.79 0.84
N ASN A 106 2.77 2.72 -0.43
CA ASN A 106 2.24 3.88 -1.13
C ASN A 106 0.88 3.53 -1.70
N TYR A 107 -0.10 4.41 -1.48
CA TYR A 107 -1.45 4.18 -1.98
C TYR A 107 -1.86 5.27 -2.95
N LYS A 108 -2.24 4.87 -4.16
CA LYS A 108 -2.69 5.81 -5.18
C LYS A 108 -4.21 5.63 -5.29
N PRO A 109 -4.97 6.72 -5.12
CA PRO A 109 -6.43 6.67 -5.20
C PRO A 109 -6.95 6.30 -6.59
N PRO A 110 -8.17 5.75 -6.66
CA PRO A 110 -8.75 5.37 -7.94
C PRO A 110 -9.25 6.60 -8.71
N ALA A 111 -9.31 6.47 -10.03
CA ALA A 111 -9.81 7.56 -10.87
C ALA A 111 -11.32 7.59 -10.70
N ASP A 112 -11.93 8.76 -10.86
CA ASP A 112 -13.37 8.87 -10.72
C ASP A 112 -14.02 7.96 -11.77
N SER A 113 -14.61 6.87 -11.30
CA SER A 113 -15.25 5.92 -12.19
C SER A 113 -16.73 5.80 -11.84
N GLY A 114 -17.20 4.57 -11.65
CA GLY A 114 -18.59 4.34 -11.31
C GLY A 114 -19.06 5.26 -10.19
N GLY A 115 -18.62 4.99 -8.97
CA GLY A 115 -19.02 5.81 -7.85
C GLY A 115 -18.23 5.56 -6.57
N LYS A 116 -18.70 4.60 -5.77
CA LYS A 116 -18.10 4.22 -4.51
C LYS A 116 -16.60 4.49 -4.33
N GLU A 117 -15.79 4.10 -5.31
CA GLU A 117 -14.35 4.27 -5.22
C GLU A 117 -13.84 5.67 -4.84
N ILE A 118 -14.65 6.70 -5.07
CA ILE A 118 -14.22 8.05 -4.74
C ILE A 118 -14.18 8.30 -3.23
N PHE A 119 -14.72 7.37 -2.45
CA PHE A 119 -14.75 7.50 -1.00
C PHE A 119 -13.71 6.62 -0.31
N SER A 120 -12.87 5.96 -1.09
CA SER A 120 -11.86 5.04 -0.56
C SER A 120 -10.99 5.56 0.59
N LEU A 121 -10.67 6.85 0.57
CA LEU A 121 -9.79 7.42 1.59
C LEU A 121 -10.53 8.16 2.72
N LEU A 122 -11.85 8.31 2.60
CA LEU A 122 -12.60 9.03 3.62
C LEU A 122 -12.48 8.44 5.02
N PRO A 123 -12.61 7.11 5.17
CA PRO A 123 -12.48 6.57 6.54
C PRO A 123 -11.14 6.99 7.17
N HIS A 124 -10.06 6.86 6.40
CA HIS A 124 -8.74 7.23 6.91
C HIS A 124 -8.70 8.71 7.29
N MET A 125 -9.20 9.55 6.38
CA MET A 125 -9.23 11.00 6.58
C MET A 125 -10.04 11.33 7.82
N ALA A 126 -11.12 10.58 8.02
CA ALA A 126 -11.98 10.81 9.19
C ALA A 126 -11.20 10.55 10.45
N ASP A 127 -10.35 9.51 10.44
CA ASP A 127 -9.54 9.18 11.61
C ASP A 127 -8.47 10.24 11.85
N MET A 128 -7.79 10.67 10.79
CA MET A 128 -6.74 11.68 10.93
C MET A 128 -7.29 13.00 11.46
N SER A 129 -8.40 13.47 10.88
CA SER A 129 -9.00 14.71 11.30
C SER A 129 -9.55 14.65 12.72
N THR A 130 -10.11 13.50 13.09
CA THR A 130 -10.65 13.32 14.44
C THR A 130 -9.47 13.41 15.41
N TYR A 131 -8.36 12.80 15.03
CA TYR A 131 -7.16 12.86 15.86
C TYR A 131 -6.75 14.33 16.00
N MET A 132 -6.78 15.06 14.90
CA MET A 132 -6.40 16.48 14.94
C MET A 132 -7.35 17.30 15.82
N PHE A 133 -8.65 17.05 15.67
CA PHE A 133 -9.68 17.76 16.43
C PHE A 133 -9.51 17.58 17.94
N LYS A 134 -9.19 16.36 18.38
CA LYS A 134 -8.98 16.13 19.81
C LYS A 134 -7.81 16.99 20.28
N GLY A 135 -6.82 17.16 19.41
CA GLY A 135 -5.66 17.98 19.75
C GLY A 135 -6.07 19.44 19.82
N ILE A 136 -7.00 19.84 18.96
CA ILE A 136 -7.51 21.22 18.93
C ILE A 136 -8.35 21.51 20.18
N ILE A 137 -9.15 20.54 20.60
CA ILE A 137 -9.97 20.68 21.79
C ILE A 137 -9.05 20.83 23.02
N SER A 138 -7.98 20.03 23.07
CA SER A 138 -7.02 20.11 24.18
C SER A 138 -6.35 21.48 24.22
N PHE A 139 -6.03 21.99 23.03
CA PHE A 139 -5.41 23.31 22.89
C PHE A 139 -6.28 24.36 23.57
N ALA A 140 -7.55 24.41 23.17
CA ALA A 140 -8.49 25.37 23.72
C ALA A 140 -8.63 25.21 25.24
N LYS A 141 -8.72 23.97 25.70
CA LYS A 141 -8.87 23.67 27.12
C LYS A 141 -7.81 24.25 28.05
N VAL A 142 -6.56 24.30 27.61
CA VAL A 142 -5.50 24.83 28.47
C VAL A 142 -5.46 26.36 28.48
N ILE A 143 -6.16 27.00 27.54
CA ILE A 143 -6.16 28.45 27.49
C ILE A 143 -7.11 29.04 28.55
N SER A 144 -6.53 29.77 29.50
CA SER A 144 -7.31 30.38 30.57
C SER A 144 -8.49 31.18 30.03
N TYR A 145 -8.26 31.99 29.02
CA TYR A 145 -9.32 32.80 28.44
C TYR A 145 -10.47 31.95 27.92
N PHE A 146 -10.17 30.74 27.46
CA PHE A 146 -11.19 29.83 26.93
C PHE A 146 -11.95 29.12 28.05
N ARG A 147 -11.23 28.69 29.07
CA ARG A 147 -11.83 27.99 30.22
C ARG A 147 -12.87 28.83 30.97
N ASP A 148 -12.60 30.12 31.13
CA ASP A 148 -13.52 30.99 31.84
C ASP A 148 -14.85 31.16 31.13
N LEU A 149 -14.89 30.89 29.84
CA LEU A 149 -16.13 31.03 29.08
C LEU A 149 -17.14 29.96 29.49
N PRO A 150 -18.44 30.25 29.31
CA PRO A 150 -19.47 29.27 29.67
C PRO A 150 -19.21 27.99 28.88
N ILE A 151 -19.58 26.85 29.43
CA ILE A 151 -19.36 25.57 28.76
C ILE A 151 -20.05 25.53 27.39
N GLU A 152 -21.24 26.12 27.32
CA GLU A 152 -21.99 26.14 26.06
C GLU A 152 -21.25 26.94 25.00
N ASP A 153 -20.58 28.01 25.42
CA ASP A 153 -19.83 28.85 24.50
C ASP A 153 -18.58 28.12 24.01
N GLN A 154 -17.91 27.40 24.91
CA GLN A 154 -16.72 26.64 24.54
C GLN A 154 -17.10 25.67 23.41
N ILE A 155 -18.22 24.99 23.60
CA ILE A 155 -18.73 24.04 22.63
C ILE A 155 -19.00 24.74 21.30
N SER A 156 -19.68 25.87 21.35
CA SER A 156 -20.01 26.62 20.13
C SER A 156 -18.75 27.09 19.40
N LEU A 157 -17.78 27.59 20.16
CA LEU A 157 -16.55 28.07 19.55
C LEU A 157 -15.75 26.94 18.87
N LEU A 158 -15.71 25.78 19.51
CA LEU A 158 -14.97 24.65 18.95
C LEU A 158 -15.65 24.12 17.68
N LYS A 159 -16.98 24.05 17.69
CA LYS A 159 -17.73 23.59 16.53
C LYS A 159 -17.47 24.53 15.35
N GLY A 160 -17.47 25.82 15.63
CA GLY A 160 -17.25 26.79 14.58
C GLY A 160 -15.83 26.87 14.03
N ALA A 161 -14.84 26.55 14.87
CA ALA A 161 -13.44 26.66 14.46
C ALA A 161 -12.63 25.38 14.27
N ALA A 162 -13.21 24.22 14.55
CA ALA A 162 -12.48 22.96 14.44
C ALA A 162 -11.67 22.80 13.14
N PHE A 163 -12.37 22.91 12.01
CA PHE A 163 -11.76 22.79 10.69
C PHE A 163 -10.63 23.80 10.50
N GLU A 164 -10.89 25.04 10.91
CA GLU A 164 -9.90 26.11 10.76
C GLU A 164 -8.59 25.85 11.52
N LEU A 165 -8.69 25.55 12.81
CA LEU A 165 -7.52 25.28 13.62
C LEU A 165 -6.78 24.05 13.07
N CYS A 166 -7.53 23.07 12.60
CA CYS A 166 -6.93 21.86 12.05
C CYS A 166 -6.10 22.18 10.81
N GLN A 167 -6.67 22.97 9.90
CA GLN A 167 -5.97 23.35 8.67
C GLN A 167 -4.78 24.27 8.95
N LEU A 168 -4.87 25.09 9.99
CA LEU A 168 -3.76 25.97 10.34
C LEU A 168 -2.59 25.12 10.83
N ARG A 169 -2.89 24.07 11.60
CA ARG A 169 -1.85 23.16 12.06
C ARG A 169 -1.30 22.38 10.90
N PHE A 170 -2.18 21.95 10.00
CA PHE A 170 -1.71 21.19 8.84
C PHE A 170 -0.78 22.05 7.99
N ASN A 171 -1.03 23.36 7.94
CA ASN A 171 -0.15 24.19 7.14
C ASN A 171 1.30 24.16 7.63
N THR A 172 1.50 23.97 8.93
CA THR A 172 2.87 23.95 9.45
C THR A 172 3.64 22.70 9.01
N VAL A 173 2.94 21.66 8.59
CA VAL A 173 3.63 20.45 8.13
C VAL A 173 3.47 20.28 6.62
N PHE A 174 3.00 21.33 5.95
CA PHE A 174 2.83 21.28 4.50
C PHE A 174 4.12 21.71 3.81
N ASN A 175 4.59 20.87 2.88
CA ASN A 175 5.81 21.15 2.11
C ASN A 175 5.32 21.68 0.76
N ALA A 176 5.38 22.99 0.58
CA ALA A 176 4.93 23.61 -0.66
C ALA A 176 5.75 23.22 -1.89
N GLU A 177 6.98 22.76 -1.68
CA GLU A 177 7.83 22.37 -2.79
C GLU A 177 7.30 21.10 -3.44
N THR A 178 6.85 20.17 -2.61
CA THR A 178 6.34 18.88 -3.09
C THR A 178 4.82 18.72 -2.98
N GLY A 179 4.12 19.76 -2.57
CA GLY A 179 2.68 19.66 -2.43
C GLY A 179 2.29 18.49 -1.53
N THR A 180 3.03 18.31 -0.45
CA THR A 180 2.81 17.22 0.49
C THR A 180 2.72 17.61 1.96
N TRP A 181 1.76 17.01 2.67
CA TRP A 181 1.60 17.25 4.10
C TRP A 181 2.38 16.12 4.77
N GLU A 182 3.48 16.47 5.42
CA GLU A 182 4.34 15.51 6.07
C GLU A 182 3.92 15.31 7.52
N CYS A 183 3.21 14.21 7.77
CA CYS A 183 2.71 13.92 9.10
C CYS A 183 3.40 12.71 9.74
N GLY A 184 4.63 12.93 10.21
CA GLY A 184 5.38 11.85 10.82
C GLY A 184 5.66 10.75 9.82
N ARG A 185 5.17 9.54 10.11
CA ARG A 185 5.35 8.38 9.24
C ARG A 185 4.40 8.42 8.04
N LEU A 186 3.39 9.27 8.14
CA LEU A 186 2.38 9.42 7.09
C LEU A 186 2.65 10.65 6.22
N SER A 187 2.32 10.54 4.94
CA SER A 187 2.48 11.64 3.99
C SER A 187 1.31 11.67 3.02
N TYR A 188 0.75 12.85 2.77
CA TYR A 188 -0.36 13.01 1.83
C TYR A 188 0.12 13.96 0.73
N CYS A 189 0.23 13.44 -0.48
CA CYS A 189 0.72 14.21 -1.61
C CYS A 189 -0.37 14.52 -2.62
N LEU A 190 -0.46 15.77 -3.05
CA LEU A 190 -1.47 16.15 -4.05
C LEU A 190 -1.13 15.51 -5.39
N GLU A 191 -2.16 15.06 -6.10
CA GLU A 191 -1.98 14.45 -7.41
C GLU A 191 -2.00 15.54 -8.48
N ASP A 192 -0.83 15.96 -8.95
CA ASP A 192 -0.75 17.01 -9.96
C ASP A 192 -1.41 16.58 -11.26
N THR A 193 -2.08 17.52 -11.92
CA THR A 193 -2.78 17.26 -13.17
C THR A 193 -2.14 17.99 -14.36
N ALA A 194 -2.94 18.23 -15.38
CA ALA A 194 -2.47 18.92 -16.58
C ALA A 194 -2.09 20.36 -16.26
N GLY A 195 -3.03 21.11 -15.71
CA GLY A 195 -2.77 22.49 -15.36
C GLY A 195 -1.54 22.60 -14.48
N GLY A 196 -1.66 22.12 -13.24
CA GLY A 196 -0.54 22.17 -12.31
C GLY A 196 -0.76 23.15 -11.17
N PHE A 197 -0.07 24.28 -11.23
CA PHE A 197 -0.18 25.29 -10.20
C PHE A 197 -1.53 26.01 -10.27
N GLN A 198 -1.78 26.71 -11.37
CA GLN A 198 -3.04 27.42 -11.54
C GLN A 198 -4.21 26.46 -11.44
N GLN A 199 -3.95 25.19 -11.74
CA GLN A 199 -4.98 24.16 -11.67
C GLN A 199 -5.42 24.00 -10.21
N LEU A 200 -4.47 23.74 -9.33
CA LEU A 200 -4.75 23.57 -7.91
C LEU A 200 -5.21 24.90 -7.30
N LEU A 201 -4.58 25.99 -7.73
CA LEU A 201 -4.93 27.31 -7.23
C LEU A 201 -6.43 27.54 -7.30
N LEU A 202 -7.11 26.73 -8.10
CA LEU A 202 -8.57 26.83 -8.24
C LEU A 202 -9.27 26.45 -6.94
N GLU A 203 -8.84 25.37 -6.30
CA GLU A 203 -9.45 24.96 -5.04
C GLU A 203 -9.01 25.93 -3.96
N PRO A 204 -9.96 26.71 -3.42
CA PRO A 204 -9.70 27.69 -2.37
C PRO A 204 -8.82 27.21 -1.22
N MET A 205 -9.09 26.01 -0.70
CA MET A 205 -8.32 25.49 0.42
C MET A 205 -6.88 25.17 0.02
N LEU A 206 -6.67 24.71 -1.21
CA LEU A 206 -5.31 24.40 -1.66
C LEU A 206 -4.54 25.72 -1.86
N LYS A 207 -5.18 26.67 -2.53
CA LYS A 207 -4.58 27.98 -2.75
C LYS A 207 -4.23 28.60 -1.40
N PHE A 208 -5.10 28.36 -0.42
CA PHE A 208 -4.89 28.90 0.93
C PHE A 208 -3.58 28.37 1.52
N HIS A 209 -3.37 27.06 1.44
CA HIS A 209 -2.15 26.47 1.99
C HIS A 209 -0.89 27.02 1.33
N TYR A 210 -0.88 27.15 0.02
CA TYR A 210 0.31 27.68 -0.65
C TYR A 210 0.54 29.13 -0.25
N MET A 211 -0.50 29.93 -0.30
CA MET A 211 -0.40 31.35 0.06
C MET A 211 0.07 31.53 1.49
N LEU A 212 -0.55 30.81 2.43
CA LEU A 212 -0.15 30.93 3.82
C LEU A 212 1.30 30.49 4.03
N LYS A 213 1.70 29.41 3.37
CA LYS A 213 3.06 28.92 3.53
C LYS A 213 4.08 29.94 3.04
N LYS A 214 3.74 30.63 1.95
CA LYS A 214 4.64 31.63 1.37
C LYS A 214 4.93 32.82 2.28
N LEU A 215 4.07 33.06 3.26
CA LEU A 215 4.27 34.16 4.20
C LEU A 215 5.35 33.82 5.22
N GLN A 216 5.73 32.56 5.28
CA GLN A 216 6.76 32.09 6.20
C GLN A 216 6.56 32.62 7.62
N LEU A 217 5.41 32.29 8.21
CA LEU A 217 5.10 32.73 9.55
C LEU A 217 5.84 31.98 10.65
N HIS A 218 5.97 32.63 11.79
CA HIS A 218 6.64 32.06 12.96
C HIS A 218 5.62 31.22 13.74
N GLU A 219 6.12 30.35 14.62
CA GLU A 219 5.22 29.55 15.44
C GLU A 219 4.25 30.49 16.15
N GLU A 220 4.79 31.59 16.68
CA GLU A 220 3.99 32.58 17.41
C GLU A 220 2.84 33.15 16.59
N GLU A 221 3.09 33.43 15.32
CA GLU A 221 2.05 33.98 14.46
C GLU A 221 0.98 32.92 14.16
N TYR A 222 1.40 31.68 13.98
CA TYR A 222 0.42 30.61 13.73
C TYR A 222 -0.46 30.45 14.96
N VAL A 223 0.12 30.42 16.15
CA VAL A 223 -0.68 30.23 17.35
C VAL A 223 -1.64 31.40 17.60
N LEU A 224 -1.23 32.61 17.25
CA LEU A 224 -2.11 33.76 17.42
C LEU A 224 -3.26 33.66 16.39
N MET A 225 -2.96 33.11 15.21
CA MET A 225 -4.00 32.92 14.18
C MET A 225 -5.03 31.93 14.69
N GLN A 226 -4.56 30.89 15.38
CA GLN A 226 -5.46 29.89 15.93
C GLN A 226 -6.36 30.54 16.98
N ALA A 227 -5.78 31.40 17.80
CA ALA A 227 -6.55 32.08 18.84
C ALA A 227 -7.62 32.99 18.23
N ILE A 228 -7.24 33.79 17.23
CA ILE A 228 -8.20 34.71 16.61
C ILE A 228 -9.35 33.91 15.98
N SER A 229 -9.04 32.79 15.38
CA SER A 229 -10.07 31.94 14.77
C SER A 229 -10.95 31.31 15.85
N LEU A 230 -10.32 30.80 16.90
CA LEU A 230 -11.05 30.16 18.00
C LEU A 230 -12.02 31.12 18.67
N PHE A 231 -11.54 32.31 18.99
CA PHE A 231 -12.39 33.30 19.65
C PHE A 231 -13.13 34.20 18.68
N SER A 232 -13.92 33.60 17.79
N SER A 232 -13.88 33.59 17.78
CA SER A 232 -14.70 34.36 16.83
CA SER A 232 -14.71 34.34 16.86
C SER A 232 -16.08 34.55 17.47
C SER A 232 -16.11 34.56 17.44
N PRO A 233 -16.45 35.79 17.76
CA PRO A 233 -17.73 36.12 18.39
C PRO A 233 -18.95 35.87 17.51
N ASP A 234 -18.75 35.85 16.20
CA ASP A 234 -19.85 35.62 15.28
C ASP A 234 -20.11 34.18 14.85
N ARG A 235 -19.74 33.22 15.70
CA ARG A 235 -20.00 31.81 15.39
C ARG A 235 -21.45 31.59 15.81
N PRO A 236 -22.22 30.85 14.99
CA PRO A 236 -23.62 30.60 15.34
C PRO A 236 -23.79 29.82 16.64
N GLY A 237 -24.48 30.46 17.61
CA GLY A 237 -24.71 29.82 18.89
C GLY A 237 -24.06 30.48 20.09
N VAL A 238 -23.07 31.37 19.86
CA VAL A 238 -22.40 32.07 20.95
C VAL A 238 -23.36 32.98 21.70
N LEU A 239 -23.20 33.03 23.02
CA LEU A 239 -24.05 33.87 23.86
C LEU A 239 -23.24 35.05 24.41
N GLN A 240 -22.00 34.80 24.79
CA GLN A 240 -21.13 35.83 25.32
C GLN A 240 -20.40 36.59 24.22
N HIS A 241 -21.16 37.06 23.24
N HIS A 241 -21.16 37.06 23.24
CA HIS A 241 -20.64 37.80 22.09
CA HIS A 241 -20.64 37.80 22.10
C HIS A 241 -19.68 38.89 22.53
C HIS A 241 -19.67 38.90 22.54
N ARG A 242 -20.09 39.70 23.50
CA ARG A 242 -19.29 40.80 24.02
C ARG A 242 -17.91 40.37 24.46
N VAL A 243 -17.87 39.40 25.38
CA VAL A 243 -16.62 38.90 25.92
C VAL A 243 -15.70 38.27 24.86
N VAL A 244 -16.28 37.47 23.98
CA VAL A 244 -15.51 36.83 22.93
C VAL A 244 -14.92 37.87 21.96
N ASP A 245 -15.77 38.81 21.51
CA ASP A 245 -15.31 39.84 20.59
C ASP A 245 -14.13 40.58 21.20
N GLN A 246 -14.24 40.90 22.48
CA GLN A 246 -13.17 41.60 23.21
C GLN A 246 -11.90 40.76 23.29
N LEU A 247 -12.05 39.45 23.49
CA LEU A 247 -10.88 38.60 23.56
C LEU A 247 -10.20 38.51 22.20
N GLN A 248 -10.99 38.32 21.15
CA GLN A 248 -10.42 38.23 19.81
C GLN A 248 -9.58 39.48 19.52
N GLU A 249 -10.16 40.65 19.78
CA GLU A 249 -9.45 41.91 19.54
C GLU A 249 -8.10 41.96 20.26
N GLN A 250 -8.07 41.47 21.50
N GLN A 250 -8.07 41.47 21.50
CA GLN A 250 -6.83 41.44 22.28
CA GLN A 250 -6.84 41.43 22.26
C GLN A 250 -5.79 40.60 21.55
C GLN A 250 -5.77 40.60 21.55
N PHE A 251 -6.21 39.42 21.10
CA PHE A 251 -5.31 38.51 20.38
C PHE A 251 -4.85 39.17 19.09
N ALA A 252 -5.77 39.82 18.39
CA ALA A 252 -5.43 40.51 17.14
C ALA A 252 -4.43 41.63 17.38
N ILE A 253 -4.65 42.43 18.42
CA ILE A 253 -3.72 43.52 18.71
C ILE A 253 -2.36 42.93 19.07
N THR A 254 -2.35 41.79 19.73
CA THR A 254 -1.10 41.15 20.11
C THR A 254 -0.33 40.73 18.87
N LEU A 255 -1.03 40.12 17.91
CA LEU A 255 -0.42 39.70 16.66
C LEU A 255 0.13 40.91 15.89
N LYS A 256 -0.68 41.96 15.80
CA LYS A 256 -0.29 43.18 15.10
C LYS A 256 0.99 43.75 15.74
N SER A 257 1.01 43.79 17.07
CA SER A 257 2.16 44.30 17.81
C SER A 257 3.38 43.41 17.63
N TYR A 258 3.19 42.10 17.72
CA TYR A 258 4.30 41.15 17.54
C TYR A 258 4.97 41.38 16.22
N ILE A 259 4.17 41.60 15.19
CA ILE A 259 4.71 41.84 13.84
C ILE A 259 5.46 43.17 13.79
N GLU A 260 4.92 44.20 14.42
CA GLU A 260 5.58 45.50 14.45
C GLU A 260 6.93 45.42 15.15
N CYS A 261 7.00 44.64 16.23
CA CYS A 261 8.23 44.49 17.00
C CYS A 261 9.26 43.53 16.42
N ASN A 262 8.80 42.45 15.78
CA ASN A 262 9.72 41.46 15.22
C ASN A 262 10.02 41.57 13.74
N ARG A 263 9.31 42.45 13.03
CA ARG A 263 9.56 42.61 11.61
C ARG A 263 9.16 44.01 11.14
N PRO A 264 10.00 45.01 11.44
CA PRO A 264 9.80 46.41 11.08
C PRO A 264 10.02 46.68 9.59
N GLN A 265 10.71 45.75 8.94
CA GLN A 265 10.99 45.86 7.51
C GLN A 265 9.73 46.26 6.75
N PRO A 266 9.80 47.33 5.95
CA PRO A 266 8.64 47.79 5.19
C PRO A 266 7.99 46.65 4.43
N ALA A 267 8.75 45.58 4.22
CA ALA A 267 8.23 44.42 3.51
C ALA A 267 7.09 43.75 4.27
N HIS A 268 7.01 44.01 5.57
CA HIS A 268 5.96 43.40 6.39
C HIS A 268 4.95 44.42 6.86
N ARG A 269 4.93 45.56 6.19
CA ARG A 269 4.02 46.65 6.51
C ARG A 269 2.56 46.22 6.63
N PHE A 270 2.10 45.39 5.69
CA PHE A 270 0.71 44.96 5.74
C PHE A 270 0.54 43.46 6.04
N LEU A 271 1.56 42.84 6.64
CA LEU A 271 1.50 41.42 6.97
C LEU A 271 0.30 41.09 7.86
N PHE A 272 0.10 41.88 8.90
CA PHE A 272 -1.02 41.65 9.81
C PHE A 272 -2.36 41.66 9.06
N LEU A 273 -2.57 42.65 8.21
CA LEU A 273 -3.83 42.74 7.45
C LEU A 273 -3.98 41.55 6.49
N LYS A 274 -2.87 41.08 5.94
CA LYS A 274 -2.93 39.94 5.03
C LYS A 274 -3.37 38.71 5.82
N ILE A 275 -2.83 38.56 7.02
CA ILE A 275 -3.19 37.43 7.88
C ILE A 275 -4.67 37.50 8.23
N MET A 276 -5.13 38.67 8.66
CA MET A 276 -6.54 38.83 9.03
C MET A 276 -7.43 38.52 7.83
N ALA A 277 -6.96 38.87 6.64
CA ALA A 277 -7.74 38.62 5.43
C ALA A 277 -7.81 37.12 5.16
N MET A 278 -6.71 36.43 5.41
CA MET A 278 -6.69 35.00 5.18
C MET A 278 -7.61 34.27 6.15
N LEU A 279 -7.68 34.77 7.39
CA LEU A 279 -8.54 34.16 8.39
C LEU A 279 -10.01 34.32 8.00
N THR A 280 -10.36 35.47 7.42
CA THR A 280 -11.75 35.69 7.01
C THR A 280 -12.07 34.72 5.87
N GLU A 281 -11.12 34.52 4.96
CA GLU A 281 -11.29 33.60 3.84
C GLU A 281 -11.46 32.17 4.38
N LEU A 282 -10.55 31.78 5.27
CA LEU A 282 -10.58 30.45 5.86
C LEU A 282 -11.96 30.16 6.45
N ARG A 283 -12.59 31.17 7.03
CA ARG A 283 -13.90 31.01 7.63
C ARG A 283 -14.94 30.65 6.56
N SER A 284 -14.80 31.24 5.38
CA SER A 284 -15.72 30.95 4.28
C SER A 284 -15.42 29.57 3.75
N ILE A 285 -14.13 29.23 3.68
CA ILE A 285 -13.73 27.92 3.19
C ILE A 285 -14.29 26.83 4.13
N ASN A 286 -14.25 27.11 5.43
CA ASN A 286 -14.74 26.19 6.45
C ASN A 286 -16.24 25.88 6.20
N ALA A 287 -17.03 26.93 6.03
CA ALA A 287 -18.46 26.76 5.79
C ALA A 287 -18.70 25.92 4.54
N GLN A 288 -17.91 26.19 3.49
CA GLN A 288 -18.04 25.48 2.23
C GLN A 288 -17.65 24.00 2.34
N HIS A 289 -16.54 23.69 3.01
CA HIS A 289 -16.15 22.30 3.16
C HIS A 289 -17.11 21.57 4.09
N THR A 290 -17.61 22.27 5.11
CA THR A 290 -18.56 21.63 6.02
C THR A 290 -19.78 21.21 5.20
N GLN A 291 -20.22 22.06 4.27
CA GLN A 291 -21.37 21.70 3.44
C GLN A 291 -20.98 20.48 2.61
N ARG A 292 -19.74 20.45 2.13
CA ARG A 292 -19.26 19.31 1.35
C ARG A 292 -19.39 18.04 2.18
N LEU A 293 -18.94 18.11 3.43
CA LEU A 293 -18.99 16.97 4.34
C LEU A 293 -20.42 16.44 4.47
N LEU A 294 -21.36 17.34 4.74
CA LEU A 294 -22.76 16.97 4.90
C LEU A 294 -23.33 16.30 3.64
N ARG A 295 -22.98 16.82 2.47
CA ARG A 295 -23.45 16.25 1.22
C ARG A 295 -22.94 14.82 1.09
N ILE A 296 -21.65 14.61 1.37
CA ILE A 296 -21.09 13.25 1.29
C ILE A 296 -21.78 12.36 2.33
N GLN A 297 -21.81 12.84 3.56
CA GLN A 297 -22.44 12.13 4.67
C GLN A 297 -23.86 11.65 4.31
N ASP A 298 -24.61 12.52 3.65
CA ASP A 298 -25.99 12.23 3.24
C ASP A 298 -26.13 11.00 2.37
N ILE A 299 -25.20 10.80 1.43
CA ILE A 299 -25.27 9.64 0.54
C ILE A 299 -24.29 8.53 0.91
N HIS A 300 -23.31 8.85 1.77
CA HIS A 300 -22.32 7.86 2.18
C HIS A 300 -21.81 8.20 3.57
N PRO A 301 -22.60 7.90 4.61
CA PRO A 301 -22.25 8.18 6.02
C PRO A 301 -20.89 7.60 6.39
N PHE A 302 -20.02 8.43 6.97
CA PHE A 302 -18.69 7.96 7.35
C PHE A 302 -18.08 8.75 8.51
N ALA A 303 -18.71 9.85 8.91
CA ALA A 303 -18.19 10.67 10.00
C ALA A 303 -18.07 9.89 11.30
N THR A 304 -17.01 10.17 12.05
CA THR A 304 -16.79 9.54 13.35
C THR A 304 -17.75 10.23 14.32
N PRO A 305 -17.93 9.66 15.52
CA PRO A 305 -18.83 10.29 16.50
C PRO A 305 -18.46 11.72 16.85
N LEU A 306 -17.17 12.01 16.99
CA LEU A 306 -16.75 13.37 17.33
C LEU A 306 -17.03 14.32 16.16
N MET A 307 -16.84 13.83 14.93
CA MET A 307 -17.11 14.65 13.76
C MET A 307 -18.61 14.95 13.66
N GLN A 308 -19.45 13.97 13.98
CA GLN A 308 -20.90 14.19 13.91
C GLN A 308 -21.28 15.36 14.84
N GLU A 309 -20.69 15.42 16.02
CA GLU A 309 -20.98 16.50 16.97
C GLU A 309 -20.43 17.85 16.49
N LEU A 310 -19.20 17.85 16.02
CA LEU A 310 -18.57 19.09 15.56
C LEU A 310 -19.25 19.74 14.37
N PHE A 311 -19.72 18.93 13.41
CA PHE A 311 -20.34 19.48 12.21
C PHE A 311 -21.86 19.34 12.11
N GLY A 312 -22.50 19.08 13.23
CA GLY A 312 -23.95 18.96 13.26
C GLY A 312 -24.58 17.84 12.46
N ILE A 313 -24.05 16.62 12.62
CA ILE A 313 -24.61 15.48 11.91
C ILE A 313 -25.35 14.62 12.94
N THR A 314 -26.60 14.29 12.66
CA THR A 314 -27.39 13.48 13.58
C THR A 314 -26.95 12.03 13.54
N GLY A 315 -26.81 11.49 12.34
CA GLY A 315 -26.39 10.11 12.17
C GLY A 315 -27.11 9.14 13.10
N GLY B 24 4.73 -32.56 -39.88
CA GLY B 24 3.52 -33.18 -39.39
C GLY B 24 3.74 -34.04 -38.16
N LEU B 25 2.89 -33.88 -37.15
CA LEU B 25 3.00 -34.65 -35.92
C LEU B 25 2.15 -35.91 -35.98
N THR B 26 2.58 -36.95 -35.26
CA THR B 26 1.84 -38.19 -35.23
C THR B 26 0.51 -37.92 -34.54
N GLU B 27 -0.47 -38.78 -34.76
CA GLU B 27 -1.76 -38.63 -34.14
C GLU B 27 -1.61 -38.74 -32.63
N GLU B 28 -0.70 -39.62 -32.20
CA GLU B 28 -0.45 -39.81 -30.77
C GLU B 28 0.18 -38.57 -30.16
N GLN B 29 1.00 -37.88 -30.95
CA GLN B 29 1.65 -36.66 -30.47
C GLN B 29 0.64 -35.53 -30.38
N ARG B 30 -0.19 -35.38 -31.41
CA ARG B 30 -1.21 -34.34 -31.42
C ARG B 30 -2.12 -34.48 -30.20
N MET B 31 -2.48 -35.72 -29.88
CA MET B 31 -3.36 -35.97 -28.73
C MET B 31 -2.64 -35.69 -27.41
N MET B 32 -1.34 -35.95 -27.39
CA MET B 32 -0.54 -35.72 -26.19
C MET B 32 -0.51 -34.23 -25.90
N ILE B 33 -0.18 -33.43 -26.90
CA ILE B 33 -0.11 -31.99 -26.72
C ILE B 33 -1.48 -31.44 -26.37
N ARG B 34 -2.52 -32.01 -26.98
CA ARG B 34 -3.89 -31.59 -26.72
C ARG B 34 -4.26 -31.79 -25.25
N GLU B 35 -3.91 -32.96 -24.69
CA GLU B 35 -4.21 -33.24 -23.30
C GLU B 35 -3.45 -32.28 -22.39
N LEU B 36 -2.16 -32.11 -22.68
CA LEU B 36 -1.30 -31.21 -21.92
C LEU B 36 -1.86 -29.80 -21.91
N MET B 37 -2.17 -29.27 -23.10
CA MET B 37 -2.71 -27.93 -23.24
C MET B 37 -4.04 -27.80 -22.50
N ASP B 38 -4.87 -28.83 -22.59
CA ASP B 38 -6.16 -28.80 -21.93
C ASP B 38 -5.93 -28.79 -20.41
N ALA B 39 -4.97 -29.58 -19.94
CA ALA B 39 -4.66 -29.64 -18.51
C ALA B 39 -4.14 -28.29 -18.02
N GLN B 40 -3.32 -27.64 -18.84
CA GLN B 40 -2.77 -26.34 -18.50
C GLN B 40 -3.89 -25.31 -18.35
N MET B 41 -4.77 -25.26 -19.34
CA MET B 41 -5.88 -24.31 -19.30
C MET B 41 -6.78 -24.53 -18.09
N LYS B 42 -6.96 -25.78 -17.71
CA LYS B 42 -7.82 -26.09 -16.58
C LYS B 42 -7.20 -25.88 -15.20
N THR B 43 -5.88 -25.79 -15.13
CA THR B 43 -5.22 -25.67 -13.84
C THR B 43 -4.31 -24.48 -13.62
N PHE B 44 -4.24 -23.60 -14.60
CA PHE B 44 -3.38 -22.42 -14.49
C PHE B 44 -4.26 -21.18 -14.63
N ASP B 45 -4.65 -20.59 -13.51
CA ASP B 45 -5.44 -19.37 -13.58
C ASP B 45 -4.42 -18.27 -13.80
N THR B 46 -4.19 -17.93 -15.05
CA THR B 46 -3.20 -16.92 -15.40
C THR B 46 -3.56 -15.53 -14.91
N THR B 47 -4.84 -15.29 -14.61
CA THR B 47 -5.26 -13.98 -14.12
C THR B 47 -5.22 -13.93 -12.59
N PHE B 48 -4.85 -15.05 -11.96
CA PHE B 48 -4.77 -15.11 -10.50
C PHE B 48 -6.03 -14.55 -9.86
N SER B 49 -7.15 -14.67 -10.56
CA SER B 49 -8.41 -14.16 -10.05
C SER B 49 -8.90 -14.89 -8.81
N HIS B 50 -8.32 -16.06 -8.53
CA HIS B 50 -8.75 -16.83 -7.37
C HIS B 50 -7.73 -16.87 -6.23
N PHE B 51 -6.70 -16.04 -6.32
CA PHE B 51 -5.69 -15.98 -5.28
C PHE B 51 -6.11 -14.83 -4.35
N LYS B 52 -6.55 -15.20 -3.15
CA LYS B 52 -7.01 -14.21 -2.17
C LYS B 52 -6.70 -14.68 -0.75
N ASN B 53 -6.92 -13.79 0.22
CA ASN B 53 -6.68 -14.11 1.61
C ASN B 53 -5.23 -14.47 1.89
N PHE B 54 -4.32 -13.77 1.23
CA PHE B 54 -2.89 -13.98 1.40
C PHE B 54 -2.32 -12.95 2.38
N ARG B 55 -1.18 -13.27 2.97
CA ARG B 55 -0.55 -12.35 3.91
C ARG B 55 0.20 -11.22 3.19
N LEU B 56 0.44 -10.14 3.91
CA LEU B 56 1.14 -8.98 3.38
C LEU B 56 2.04 -8.38 4.44
N PRO B 57 3.17 -7.77 4.02
CA PRO B 57 4.07 -7.19 5.01
C PRO B 57 3.37 -6.10 5.82
N GLY B 58 3.72 -6.02 7.10
CA GLY B 58 3.12 -5.04 7.98
C GLY B 58 3.19 -3.61 7.46
N VAL B 59 2.21 -2.81 7.86
CA VAL B 59 2.13 -1.41 7.46
C VAL B 59 2.88 -0.51 8.44
N ARG B 75 28.78 -17.79 17.25
CA ARG B 75 29.59 -17.57 16.06
C ARG B 75 29.04 -18.41 14.91
N GLU B 76 28.83 -19.70 15.18
CA GLU B 76 28.30 -20.60 14.17
C GLU B 76 26.89 -20.15 13.78
N GLU B 77 26.06 -19.87 14.78
CA GLU B 77 24.69 -19.43 14.53
C GLU B 77 24.69 -18.21 13.61
N ALA B 78 25.53 -17.23 13.94
CA ALA B 78 25.62 -16.01 13.16
C ALA B 78 26.02 -16.32 11.73
N ALA B 79 26.85 -17.34 11.56
CA ALA B 79 27.32 -17.74 10.25
C ALA B 79 26.12 -18.05 9.35
N LYS B 80 25.11 -18.69 9.92
CA LYS B 80 23.89 -19.02 9.20
C LYS B 80 23.27 -17.74 8.65
N TRP B 81 23.17 -16.73 9.51
CA TRP B 81 22.58 -15.45 9.11
C TRP B 81 23.30 -14.82 7.92
N SER B 82 24.63 -14.81 7.97
CA SER B 82 25.40 -14.23 6.87
C SER B 82 25.00 -14.93 5.57
N GLN B 83 24.84 -16.24 5.65
CA GLN B 83 24.46 -17.04 4.50
C GLN B 83 23.04 -16.71 4.04
N VAL B 84 22.11 -16.69 4.98
CA VAL B 84 20.72 -16.39 4.66
C VAL B 84 20.61 -15.03 3.96
N ARG B 85 21.31 -14.03 4.49
CA ARG B 85 21.26 -12.69 3.91
C ARG B 85 21.76 -12.72 2.47
N LYS B 86 22.69 -13.63 2.19
CA LYS B 86 23.24 -13.76 0.85
C LYS B 86 22.24 -14.45 -0.07
N ASP B 87 21.41 -15.33 0.50
CA ASP B 87 20.41 -16.05 -0.28
C ASP B 87 19.19 -15.20 -0.65
N LEU B 88 19.07 -14.01 -0.05
CA LEU B 88 17.93 -13.15 -0.32
C LEU B 88 18.24 -11.76 -0.91
N CYS B 89 19.44 -11.25 -0.62
CA CYS B 89 19.82 -9.92 -1.10
C CYS B 89 19.83 -9.72 -2.60
N SER B 90 19.84 -10.81 -3.37
CA SER B 90 19.86 -10.70 -4.83
C SER B 90 18.52 -11.05 -5.46
N LEU B 91 17.53 -11.33 -4.63
CA LEU B 91 16.20 -11.69 -5.11
C LEU B 91 15.15 -10.71 -4.60
N LYS B 92 15.55 -9.47 -4.39
CA LYS B 92 14.63 -8.44 -3.89
C LYS B 92 13.64 -7.96 -4.93
N VAL B 93 12.37 -7.87 -4.54
CA VAL B 93 11.32 -7.39 -5.41
C VAL B 93 10.37 -6.49 -4.63
N SER B 94 9.78 -5.53 -5.34
CA SER B 94 8.81 -4.63 -4.73
C SER B 94 7.49 -5.30 -5.10
N LEU B 95 6.42 -4.94 -4.40
CA LEU B 95 5.11 -5.54 -4.65
C LEU B 95 4.06 -4.48 -4.96
N GLN B 96 3.22 -4.77 -5.95
CA GLN B 96 2.15 -3.86 -6.35
C GLN B 96 0.81 -4.58 -6.41
N LEU B 97 -0.20 -3.99 -5.78
CA LEU B 97 -1.56 -4.53 -5.75
C LEU B 97 -2.52 -3.53 -6.36
N ARG B 98 -3.07 -3.88 -7.52
CA ARG B 98 -4.03 -3.02 -8.21
C ARG B 98 -5.43 -3.44 -7.87
N GLY B 99 -6.16 -2.56 -7.20
CA GLY B 99 -7.53 -2.85 -6.81
C GLY B 99 -8.49 -2.78 -7.97
N GLU B 100 -9.63 -3.45 -7.83
CA GLU B 100 -10.65 -3.45 -8.87
C GLU B 100 -11.13 -2.02 -9.12
N ASP B 101 -11.27 -1.24 -8.05
CA ASP B 101 -11.74 0.14 -8.18
C ASP B 101 -10.79 1.03 -8.95
N GLY B 102 -9.59 0.53 -9.24
CA GLY B 102 -8.62 1.31 -9.98
C GLY B 102 -7.43 1.77 -9.15
N SER B 103 -7.57 1.71 -7.82
CA SER B 103 -6.49 2.13 -6.93
C SER B 103 -5.26 1.23 -7.00
N VAL B 104 -4.16 1.70 -6.41
CA VAL B 104 -2.91 0.95 -6.42
C VAL B 104 -2.14 1.08 -5.12
N TRP B 105 -1.82 -0.06 -4.53
CA TRP B 105 -1.03 -0.10 -3.30
C TRP B 105 0.34 -0.59 -3.74
N ASN B 106 1.39 0.12 -3.33
CA ASN B 106 2.72 -0.30 -3.72
C ASN B 106 3.59 -0.47 -2.49
N TYR B 107 4.26 -1.61 -2.39
CA TYR B 107 5.14 -1.86 -1.26
C TYR B 107 6.60 -1.97 -1.67
N LYS B 108 7.42 -1.11 -1.08
CA LYS B 108 8.85 -1.15 -1.35
C LYS B 108 9.48 -1.75 -0.09
N PRO B 109 10.26 -2.82 -0.26
CA PRO B 109 10.91 -3.48 0.88
C PRO B 109 11.99 -2.65 1.54
N PRO B 110 12.23 -2.89 2.84
CA PRO B 110 13.25 -2.15 3.59
C PRO B 110 14.63 -2.64 3.18
N ALA B 111 15.64 -1.79 3.37
CA ALA B 111 17.01 -2.19 3.04
C ALA B 111 17.47 -3.10 4.16
N ASP B 112 18.52 -3.88 3.92
CA ASP B 112 19.04 -4.77 4.94
C ASP B 112 19.71 -3.92 6.01
N SER B 113 19.00 -3.69 7.10
CA SER B 113 19.51 -2.89 8.21
C SER B 113 19.70 -3.75 9.44
N GLY B 114 20.15 -4.98 9.23
CA GLY B 114 20.36 -5.89 10.34
C GLY B 114 19.94 -7.29 9.96
N GLY B 115 18.67 -7.61 10.22
CA GLY B 115 18.18 -8.93 9.86
C GLY B 115 16.88 -9.32 10.56
N LYS B 116 15.82 -9.39 9.76
CA LYS B 116 14.48 -9.76 10.21
C LYS B 116 13.56 -9.04 9.25
N GLU B 117 13.90 -7.78 8.97
CA GLU B 117 13.14 -6.96 8.04
C GLU B 117 13.33 -7.55 6.64
N ILE B 118 14.42 -8.29 6.46
CA ILE B 118 14.73 -8.92 5.18
C ILE B 118 13.76 -10.06 4.87
N PHE B 119 12.95 -10.42 5.85
CA PHE B 119 11.99 -11.50 5.67
C PHE B 119 10.56 -11.00 5.52
N SER B 120 10.38 -9.67 5.56
CA SER B 120 9.06 -9.07 5.47
C SER B 120 8.11 -9.58 4.38
N LEU B 121 8.65 -9.96 3.23
CA LEU B 121 7.81 -10.44 2.13
C LEU B 121 7.66 -11.96 2.04
N LEU B 122 8.41 -12.69 2.87
CA LEU B 122 8.36 -14.15 2.83
C LEU B 122 6.99 -14.76 3.09
N PRO B 123 6.25 -14.27 4.10
CA PRO B 123 4.94 -14.87 4.35
C PRO B 123 4.05 -14.75 3.11
N HIS B 124 4.09 -13.59 2.46
CA HIS B 124 3.31 -13.38 1.25
C HIS B 124 3.79 -14.35 0.18
N MET B 125 5.11 -14.41 0.00
CA MET B 125 5.73 -15.28 -1.00
C MET B 125 5.31 -16.73 -0.79
N ALA B 126 5.23 -17.13 0.48
CA ALA B 126 4.84 -18.48 0.82
C ALA B 126 3.42 -18.76 0.35
N ASP B 127 2.52 -17.81 0.59
CA ASP B 127 1.13 -17.97 0.19
C ASP B 127 0.99 -18.02 -1.33
N MET B 128 1.72 -17.16 -2.04
CA MET B 128 1.66 -17.15 -3.50
C MET B 128 2.22 -18.45 -4.08
N SER B 129 3.37 -18.86 -3.56
CA SER B 129 4.00 -20.09 -4.03
C SER B 129 3.11 -21.30 -3.76
N THR B 130 2.45 -21.29 -2.61
CA THR B 130 1.57 -22.41 -2.24
C THR B 130 0.38 -22.46 -3.20
N TYR B 131 -0.15 -21.29 -3.56
CA TYR B 131 -1.27 -21.21 -4.50
C TYR B 131 -0.80 -21.81 -5.83
N MET B 132 0.40 -21.45 -6.26
CA MET B 132 0.93 -21.98 -7.51
C MET B 132 1.13 -23.49 -7.44
N PHE B 133 1.67 -23.97 -6.32
CA PHE B 133 1.92 -25.39 -6.13
C PHE B 133 0.62 -26.19 -6.21
N LYS B 134 -0.48 -25.63 -5.70
CA LYS B 134 -1.74 -26.36 -5.77
C LYS B 134 -2.15 -26.50 -7.24
N GLY B 135 -1.94 -25.45 -8.02
CA GLY B 135 -2.27 -25.50 -9.43
C GLY B 135 -1.42 -26.52 -10.17
N ILE B 136 -0.16 -26.64 -9.75
CA ILE B 136 0.80 -27.58 -10.33
C ILE B 136 0.41 -29.03 -10.02
N ILE B 137 -0.11 -29.25 -8.81
CA ILE B 137 -0.55 -30.57 -8.42
C ILE B 137 -1.78 -30.93 -9.26
N SER B 138 -2.67 -29.96 -9.43
CA SER B 138 -3.88 -30.21 -10.23
C SER B 138 -3.50 -30.55 -11.67
N PHE B 139 -2.49 -29.85 -12.19
CA PHE B 139 -1.99 -30.07 -13.54
C PHE B 139 -1.55 -31.53 -13.67
N ALA B 140 -0.76 -32.00 -12.72
CA ALA B 140 -0.26 -33.36 -12.75
C ALA B 140 -1.43 -34.36 -12.67
N LYS B 141 -2.37 -34.10 -11.76
CA LYS B 141 -3.52 -34.96 -11.56
C LYS B 141 -4.39 -35.23 -12.78
N VAL B 142 -4.53 -34.25 -13.67
CA VAL B 142 -5.37 -34.46 -14.84
C VAL B 142 -4.68 -35.20 -15.98
N ILE B 143 -3.37 -35.41 -15.84
CA ILE B 143 -2.60 -36.13 -16.86
C ILE B 143 -2.70 -37.63 -16.62
N SER B 144 -3.33 -38.34 -17.57
CA SER B 144 -3.50 -39.79 -17.47
C SER B 144 -2.24 -40.56 -17.07
N TYR B 145 -1.14 -40.33 -17.79
CA TYR B 145 0.12 -41.02 -17.50
C TYR B 145 0.56 -40.81 -16.06
N PHE B 146 0.21 -39.67 -15.47
CA PHE B 146 0.57 -39.40 -14.09
C PHE B 146 -0.32 -40.18 -13.13
N ARG B 147 -1.62 -40.15 -13.37
CA ARG B 147 -2.57 -40.85 -12.50
C ARG B 147 -2.35 -42.36 -12.43
N ASP B 148 -1.83 -42.95 -13.49
CA ASP B 148 -1.59 -44.39 -13.50
C ASP B 148 -0.40 -44.81 -12.62
N LEU B 149 0.51 -43.88 -12.36
CA LEU B 149 1.66 -44.17 -11.52
C LEU B 149 1.21 -44.42 -10.08
N PRO B 150 2.00 -45.16 -9.30
CA PRO B 150 1.68 -45.45 -7.90
C PRO B 150 1.59 -44.13 -7.12
N ILE B 151 0.76 -44.10 -6.08
CA ILE B 151 0.57 -42.89 -5.29
C ILE B 151 1.89 -42.40 -4.70
N GLU B 152 2.80 -43.33 -4.40
CA GLU B 152 4.10 -42.99 -3.84
C GLU B 152 4.97 -42.22 -4.84
N ASP B 153 5.00 -42.68 -6.09
CA ASP B 153 5.79 -42.01 -7.12
C ASP B 153 5.19 -40.66 -7.46
N GLN B 154 3.87 -40.55 -7.39
CA GLN B 154 3.18 -39.30 -7.67
C GLN B 154 3.69 -38.26 -6.68
N ILE B 155 3.82 -38.69 -5.43
CA ILE B 155 4.30 -37.81 -4.37
C ILE B 155 5.76 -37.46 -4.63
N SER B 156 6.56 -38.46 -4.93
CA SER B 156 7.98 -38.22 -5.18
C SER B 156 8.21 -37.29 -6.38
N LEU B 157 7.43 -37.47 -7.44
CA LEU B 157 7.59 -36.62 -8.62
C LEU B 157 7.18 -35.17 -8.34
N LEU B 158 6.09 -34.99 -7.60
CA LEU B 158 5.63 -33.65 -7.29
C LEU B 158 6.63 -32.94 -6.37
N LYS B 159 7.19 -33.67 -5.41
CA LYS B 159 8.17 -33.08 -4.51
C LYS B 159 9.39 -32.63 -5.30
N GLY B 160 9.80 -33.46 -6.25
CA GLY B 160 10.97 -33.15 -7.05
C GLY B 160 10.81 -32.08 -8.12
N ALA B 161 9.58 -31.86 -8.58
CA ALA B 161 9.36 -30.88 -9.64
C ALA B 161 8.57 -29.62 -9.29
N ALA B 162 7.98 -29.57 -8.10
CA ALA B 162 7.16 -28.42 -7.69
C ALA B 162 7.78 -27.06 -8.03
N PHE B 163 9.03 -26.84 -7.62
CA PHE B 163 9.71 -25.58 -7.87
C PHE B 163 9.83 -25.30 -9.37
N GLU B 164 10.27 -26.31 -10.12
CA GLU B 164 10.47 -26.18 -11.55
C GLU B 164 9.22 -25.82 -12.31
N LEU B 165 8.13 -26.55 -12.05
CA LEU B 165 6.87 -26.26 -12.72
C LEU B 165 6.37 -24.87 -12.34
N CYS B 166 6.52 -24.50 -11.06
CA CYS B 166 6.08 -23.17 -10.65
C CYS B 166 6.85 -22.08 -11.41
N GLN B 167 8.16 -22.23 -11.50
CA GLN B 167 8.98 -21.25 -12.20
C GLN B 167 8.68 -21.19 -13.70
N LEU B 168 8.43 -22.34 -14.32
CA LEU B 168 8.11 -22.34 -15.75
C LEU B 168 6.82 -21.54 -15.93
N ARG B 169 5.85 -21.74 -15.04
CA ARG B 169 4.60 -20.99 -15.14
C ARG B 169 4.83 -19.50 -14.89
N PHE B 170 5.65 -19.18 -13.90
CA PHE B 170 5.97 -17.77 -13.62
C PHE B 170 6.61 -17.13 -14.84
N ASN B 171 7.46 -17.87 -15.54
CA ASN B 171 8.11 -17.29 -16.71
C ASN B 171 7.11 -16.81 -17.75
N THR B 172 5.98 -17.49 -17.89
CA THR B 172 4.98 -17.08 -18.88
C THR B 172 4.31 -15.75 -18.52
N VAL B 173 4.38 -15.32 -17.26
CA VAL B 173 3.80 -14.01 -16.91
C VAL B 173 4.91 -13.00 -16.62
N PHE B 174 6.16 -13.38 -16.95
CA PHE B 174 7.31 -12.50 -16.71
C PHE B 174 7.47 -11.48 -17.85
N ASN B 175 7.61 -10.21 -17.47
CA ASN B 175 7.80 -9.14 -18.44
C ASN B 175 9.30 -8.85 -18.39
N ALA B 176 10.03 -9.27 -19.40
CA ALA B 176 11.47 -9.06 -19.43
C ALA B 176 11.86 -7.59 -19.59
N GLU B 177 10.99 -6.82 -20.23
CA GLU B 177 11.29 -5.40 -20.44
C GLU B 177 11.28 -4.62 -19.13
N THR B 178 10.35 -4.93 -18.24
CA THR B 178 10.24 -4.23 -16.96
C THR B 178 10.74 -5.02 -15.76
N GLY B 179 11.20 -6.25 -15.99
CA GLY B 179 11.69 -7.07 -14.90
C GLY B 179 10.64 -7.35 -13.84
N THR B 180 9.40 -7.62 -14.25
CA THR B 180 8.36 -7.92 -13.28
C THR B 180 7.43 -9.05 -13.69
N TRP B 181 7.02 -9.83 -12.70
CA TRP B 181 6.10 -10.93 -12.92
C TRP B 181 4.70 -10.35 -12.74
N GLU B 182 3.93 -10.33 -13.82
CA GLU B 182 2.57 -9.78 -13.82
C GLU B 182 1.56 -10.87 -13.51
N CYS B 183 1.17 -10.96 -12.23
CA CYS B 183 0.24 -11.97 -11.76
C CYS B 183 -1.16 -11.41 -11.49
N GLY B 184 -1.90 -11.11 -12.55
CA GLY B 184 -3.23 -10.56 -12.39
C GLY B 184 -3.12 -9.19 -11.74
N ARG B 185 -3.79 -9.01 -10.60
CA ARG B 185 -3.77 -7.73 -9.90
C ARG B 185 -2.50 -7.52 -9.07
N LEU B 186 -1.68 -8.56 -8.96
CA LEU B 186 -0.43 -8.49 -8.22
C LEU B 186 0.75 -8.44 -9.19
N SER B 187 1.76 -7.64 -8.85
CA SER B 187 2.97 -7.53 -9.68
C SER B 187 4.19 -7.53 -8.78
N TYR B 188 5.22 -8.27 -9.17
CA TYR B 188 6.47 -8.31 -8.39
C TYR B 188 7.54 -7.77 -9.31
N CYS B 189 8.10 -6.63 -8.94
CA CYS B 189 9.12 -5.99 -9.75
C CYS B 189 10.52 -6.06 -9.16
N LEU B 190 11.43 -6.58 -9.96
CA LEU B 190 12.82 -6.73 -9.59
C LEU B 190 13.43 -5.36 -9.31
N GLU B 191 14.21 -5.26 -8.24
CA GLU B 191 14.86 -4.00 -7.91
C GLU B 191 16.21 -3.94 -8.62
N ASP B 192 16.33 -3.05 -9.60
CA ASP B 192 17.58 -2.92 -10.35
C ASP B 192 18.54 -1.99 -9.59
N THR B 193 19.65 -2.56 -9.13
CA THR B 193 20.64 -1.81 -8.37
C THR B 193 21.97 -1.62 -9.11
N ALA B 194 23.03 -1.34 -8.34
CA ALA B 194 24.37 -1.13 -8.89
C ALA B 194 24.92 -2.37 -9.58
N GLY B 195 24.98 -2.32 -10.90
CA GLY B 195 25.48 -3.44 -11.67
C GLY B 195 24.66 -3.68 -12.92
N GLY B 196 23.36 -3.38 -12.84
CA GLY B 196 22.48 -3.57 -13.99
C GLY B 196 22.34 -5.03 -14.34
N PHE B 197 21.89 -5.30 -15.57
CA PHE B 197 21.71 -6.67 -16.04
C PHE B 197 22.82 -7.60 -15.58
N GLN B 198 24.06 -7.27 -15.93
CA GLN B 198 25.21 -8.08 -15.56
C GLN B 198 25.22 -8.48 -14.08
N GLN B 199 24.64 -7.64 -13.23
CA GLN B 199 24.58 -7.94 -11.81
C GLN B 199 23.48 -8.96 -11.54
N LEU B 200 22.31 -8.72 -12.12
CA LEU B 200 21.16 -9.62 -11.96
C LEU B 200 21.41 -10.97 -12.62
N LEU B 201 22.06 -10.95 -13.78
CA LEU B 201 22.37 -12.18 -14.50
C LEU B 201 23.29 -13.07 -13.69
N LEU B 202 23.80 -12.55 -12.58
CA LEU B 202 24.68 -13.34 -11.72
C LEU B 202 23.86 -14.36 -10.94
N GLU B 203 22.61 -14.03 -10.66
CA GLU B 203 21.73 -14.93 -9.94
C GLU B 203 21.18 -15.92 -10.97
N PRO B 204 21.48 -17.22 -10.80
CA PRO B 204 21.04 -18.26 -11.73
C PRO B 204 19.56 -18.24 -12.12
N MET B 205 18.66 -18.22 -11.14
CA MET B 205 17.23 -18.23 -11.44
C MET B 205 16.82 -16.98 -12.23
N LEU B 206 17.44 -15.85 -11.89
CA LEU B 206 17.14 -14.60 -12.57
C LEU B 206 17.60 -14.68 -14.03
N LYS B 207 18.79 -15.23 -14.25
CA LYS B 207 19.32 -15.38 -15.60
C LYS B 207 18.44 -16.36 -16.36
N PHE B 208 17.99 -17.39 -15.67
CA PHE B 208 17.13 -18.39 -16.28
C PHE B 208 15.87 -17.73 -16.84
N HIS B 209 15.22 -16.88 -16.04
CA HIS B 209 13.99 -16.24 -16.52
C HIS B 209 14.22 -15.36 -17.74
N TYR B 210 15.30 -14.60 -17.75
CA TYR B 210 15.57 -13.74 -18.90
C TYR B 210 15.91 -14.58 -20.13
N MET B 211 16.73 -15.62 -19.94
CA MET B 211 17.12 -16.47 -21.06
C MET B 211 15.95 -17.23 -21.66
N LEU B 212 15.08 -17.77 -20.82
CA LEU B 212 13.93 -18.53 -21.31
C LEU B 212 12.94 -17.63 -22.03
N LYS B 213 12.68 -16.45 -21.47
CA LYS B 213 11.75 -15.51 -22.08
C LYS B 213 12.22 -15.13 -23.48
N LYS B 214 13.53 -14.93 -23.61
CA LYS B 214 14.09 -14.53 -24.90
C LYS B 214 13.88 -15.57 -26.00
N LEU B 215 13.61 -16.82 -25.64
CA LEU B 215 13.40 -17.86 -26.65
C LEU B 215 12.01 -17.75 -27.28
N GLN B 216 11.15 -16.91 -26.70
CA GLN B 216 9.79 -16.71 -27.18
C GLN B 216 9.04 -18.01 -27.45
N LEU B 217 8.94 -18.85 -26.43
CA LEU B 217 8.27 -20.13 -26.58
C LEU B 217 6.74 -20.03 -26.70
N HIS B 218 6.17 -21.05 -27.33
CA HIS B 218 4.73 -21.16 -27.50
C HIS B 218 4.18 -21.85 -26.25
N GLU B 219 2.87 -21.73 -26.02
CA GLU B 219 2.26 -22.37 -24.87
C GLU B 219 2.57 -23.87 -24.92
N GLU B 220 2.48 -24.45 -26.11
CA GLU B 220 2.74 -25.88 -26.28
C GLU B 220 4.13 -26.29 -25.80
N GLU B 221 5.12 -25.47 -26.10
CA GLU B 221 6.49 -25.77 -25.70
C GLU B 221 6.64 -25.67 -24.19
N TYR B 222 5.99 -24.67 -23.58
CA TYR B 222 6.05 -24.54 -22.12
C TYR B 222 5.42 -25.75 -21.42
N VAL B 223 4.25 -26.18 -21.90
CA VAL B 223 3.59 -27.31 -21.27
C VAL B 223 4.37 -28.60 -21.46
N LEU B 224 5.07 -28.74 -22.58
CA LEU B 224 5.90 -29.92 -22.80
C LEU B 224 7.08 -29.87 -21.84
N MET B 225 7.61 -28.67 -21.58
CA MET B 225 8.71 -28.51 -20.64
C MET B 225 8.22 -28.95 -19.25
N GLN B 226 7.00 -28.57 -18.90
CA GLN B 226 6.44 -28.94 -17.60
C GLN B 226 6.35 -30.46 -17.48
N ALA B 227 5.88 -31.13 -18.53
CA ALA B 227 5.74 -32.58 -18.52
C ALA B 227 7.10 -33.27 -18.38
N ILE B 228 8.09 -32.78 -19.13
CA ILE B 228 9.44 -33.36 -19.08
C ILE B 228 10.01 -33.22 -17.67
N SER B 229 9.79 -32.07 -17.05
CA SER B 229 10.26 -31.82 -15.70
C SER B 229 9.49 -32.71 -14.71
N LEU B 230 8.17 -32.79 -14.88
CA LEU B 230 7.35 -33.60 -13.98
C LEU B 230 7.78 -35.06 -14.01
N PHE B 231 7.88 -35.64 -15.20
CA PHE B 231 8.28 -37.03 -15.34
C PHE B 231 9.78 -37.23 -15.39
N SER B 232 10.47 -36.79 -14.34
CA SER B 232 11.92 -36.93 -14.22
C SER B 232 12.22 -38.24 -13.52
N PRO B 233 12.85 -39.19 -14.23
CA PRO B 233 13.19 -40.49 -13.65
C PRO B 233 14.19 -40.47 -12.49
N ASP B 234 15.00 -39.41 -12.43
CA ASP B 234 16.00 -39.34 -11.37
C ASP B 234 15.65 -38.61 -10.08
N ARG B 235 14.36 -38.47 -9.78
CA ARG B 235 13.98 -37.82 -8.53
C ARG B 235 14.10 -38.88 -7.43
N PRO B 236 14.57 -38.50 -6.24
CA PRO B 236 14.69 -39.51 -5.18
C PRO B 236 13.34 -40.06 -4.72
N GLY B 237 13.31 -41.38 -4.47
CA GLY B 237 12.08 -42.02 -4.02
C GLY B 237 11.18 -42.62 -5.08
N VAL B 238 11.51 -42.40 -6.34
CA VAL B 238 10.72 -42.93 -7.45
C VAL B 238 11.04 -44.42 -7.60
N LEU B 239 10.04 -45.28 -7.60
CA LEU B 239 10.36 -46.69 -7.75
C LEU B 239 10.21 -47.13 -9.21
N GLN B 240 9.19 -46.60 -9.86
CA GLN B 240 8.93 -46.92 -11.27
C GLN B 240 9.79 -46.04 -12.19
N HIS B 241 11.06 -45.91 -11.85
N HIS B 241 11.07 -45.90 -11.85
CA HIS B 241 11.97 -45.10 -12.66
CA HIS B 241 11.99 -45.10 -12.63
C HIS B 241 12.02 -45.54 -14.11
C HIS B 241 11.99 -45.52 -14.10
N ARG B 242 11.63 -46.77 -14.36
CA ARG B 242 11.62 -47.30 -15.71
C ARG B 242 10.52 -46.67 -16.56
N VAL B 243 9.29 -46.75 -16.07
CA VAL B 243 8.15 -46.19 -16.77
C VAL B 243 8.30 -44.66 -16.88
N VAL B 244 8.75 -44.03 -15.81
CA VAL B 244 8.93 -42.58 -15.79
C VAL B 244 9.93 -42.15 -16.87
N ASP B 245 11.04 -42.86 -16.96
CA ASP B 245 12.06 -42.54 -17.95
C ASP B 245 11.49 -42.68 -19.37
N GLN B 246 10.65 -43.69 -19.57
CA GLN B 246 10.03 -43.94 -20.87
C GLN B 246 9.04 -42.84 -21.20
N LEU B 247 8.35 -42.33 -20.18
CA LEU B 247 7.39 -41.27 -20.38
C LEU B 247 8.13 -39.98 -20.73
N GLN B 248 9.18 -39.68 -19.98
CA GLN B 248 9.93 -38.45 -20.25
C GLN B 248 10.43 -38.44 -21.69
N GLU B 249 10.95 -39.58 -22.14
CA GLU B 249 11.46 -39.67 -23.50
C GLU B 249 10.39 -39.35 -24.54
N GLN B 250 9.18 -39.88 -24.34
CA GLN B 250 8.10 -39.62 -25.29
C GLN B 250 7.70 -38.16 -25.33
N PHE B 251 7.71 -37.49 -24.17
CA PHE B 251 7.37 -36.07 -24.14
C PHE B 251 8.46 -35.28 -24.86
N ALA B 252 9.71 -35.71 -24.67
CA ALA B 252 10.85 -35.06 -25.30
C ALA B 252 10.78 -35.21 -26.82
N ILE B 253 10.46 -36.42 -27.27
CA ILE B 253 10.36 -36.68 -28.71
C ILE B 253 9.25 -35.82 -29.30
N THR B 254 8.14 -35.70 -28.58
CA THR B 254 7.02 -34.89 -29.02
C THR B 254 7.44 -33.42 -29.11
N LEU B 255 8.22 -32.95 -28.13
CA LEU B 255 8.68 -31.56 -28.13
C LEU B 255 9.56 -31.29 -29.35
N LYS B 256 10.51 -32.19 -29.59
CA LYS B 256 11.41 -32.08 -30.73
C LYS B 256 10.61 -32.01 -32.04
N SER B 257 9.60 -32.87 -32.15
CA SER B 257 8.76 -32.92 -33.34
C SER B 257 7.96 -31.65 -33.54
N TYR B 258 7.37 -31.14 -32.46
CA TYR B 258 6.59 -29.92 -32.54
C TYR B 258 7.45 -28.78 -33.06
N ILE B 259 8.65 -28.68 -32.52
CA ILE B 259 9.56 -27.62 -32.93
C ILE B 259 9.89 -27.73 -34.41
N GLU B 260 10.16 -28.95 -34.86
CA GLU B 260 10.51 -29.18 -36.26
C GLU B 260 9.36 -28.80 -37.20
N CYS B 261 8.13 -29.11 -36.80
CA CYS B 261 6.97 -28.80 -37.62
C CYS B 261 6.56 -27.33 -37.63
N ASN B 262 6.90 -26.58 -36.58
CA ASN B 262 6.49 -25.18 -36.51
C ASN B 262 7.54 -24.08 -36.43
N ARG B 263 8.81 -24.43 -36.28
CA ARG B 263 9.84 -23.40 -36.17
C ARG B 263 10.96 -23.50 -37.20
N PRO B 264 10.65 -23.20 -38.48
CA PRO B 264 11.63 -23.26 -39.56
C PRO B 264 12.63 -22.10 -39.58
N GLN B 265 12.24 -20.96 -39.00
CA GLN B 265 13.08 -19.78 -38.95
C GLN B 265 14.48 -20.06 -38.38
N PRO B 266 15.52 -19.56 -39.06
CA PRO B 266 16.91 -19.74 -38.64
C PRO B 266 17.17 -19.20 -37.23
N ALA B 267 16.18 -18.50 -36.69
CA ALA B 267 16.31 -17.94 -35.34
C ALA B 267 15.96 -18.99 -34.29
N HIS B 268 15.50 -20.16 -34.75
CA HIS B 268 15.11 -21.23 -33.85
C HIS B 268 15.96 -22.49 -34.02
N ARG B 269 17.16 -22.34 -34.57
CA ARG B 269 18.02 -23.51 -34.75
C ARG B 269 18.48 -24.01 -33.38
N PHE B 270 18.47 -25.32 -33.21
CA PHE B 270 18.88 -25.94 -31.95
C PHE B 270 17.93 -25.63 -30.79
N LEU B 271 16.73 -25.17 -31.08
CA LEU B 271 15.78 -24.82 -30.02
C LEU B 271 15.52 -25.97 -29.06
N PHE B 272 15.23 -27.15 -29.60
CA PHE B 272 14.98 -28.32 -28.76
C PHE B 272 16.13 -28.58 -27.79
N LEU B 273 17.35 -28.58 -28.32
CA LEU B 273 18.52 -28.83 -27.49
C LEU B 273 18.72 -27.72 -26.46
N LYS B 274 18.45 -26.48 -26.83
CA LYS B 274 18.59 -25.37 -25.88
C LYS B 274 17.62 -25.59 -24.71
N ILE B 275 16.38 -25.93 -25.04
CA ILE B 275 15.35 -26.16 -24.03
C ILE B 275 15.72 -27.30 -23.09
N MET B 276 16.16 -28.42 -23.66
CA MET B 276 16.54 -29.55 -22.84
C MET B 276 17.69 -29.20 -21.89
N ALA B 277 18.64 -28.41 -22.37
CA ALA B 277 19.79 -28.01 -21.54
C ALA B 277 19.30 -27.09 -20.42
N MET B 278 18.31 -26.24 -20.74
CA MET B 278 17.77 -25.33 -19.76
C MET B 278 17.05 -26.11 -18.64
N LEU B 279 16.38 -27.20 -19.02
CA LEU B 279 15.67 -28.01 -18.03
C LEU B 279 16.65 -28.68 -17.07
N THR B 280 17.81 -29.06 -17.60
CA THR B 280 18.82 -29.71 -16.77
C THR B 280 19.32 -28.68 -15.77
N GLU B 281 19.51 -27.45 -16.24
CA GLU B 281 19.98 -26.37 -15.38
C GLU B 281 18.92 -26.06 -14.32
N LEU B 282 17.66 -26.00 -14.74
CA LEU B 282 16.57 -25.69 -13.82
C LEU B 282 16.55 -26.69 -12.65
N ARG B 283 16.90 -27.94 -12.92
N ARG B 283 16.91 -27.95 -12.93
CA ARG B 283 16.95 -28.98 -11.90
CA ARG B 283 16.95 -28.99 -11.90
C ARG B 283 18.05 -28.65 -10.88
C ARG B 283 18.05 -28.65 -10.89
N SER B 284 19.15 -28.11 -11.39
CA SER B 284 20.27 -27.73 -10.52
C SER B 284 19.86 -26.52 -9.68
N ILE B 285 19.19 -25.56 -10.30
CA ILE B 285 18.74 -24.37 -9.59
C ILE B 285 17.71 -24.71 -8.51
N ASN B 286 16.86 -25.69 -8.80
CA ASN B 286 15.82 -26.14 -7.87
C ASN B 286 16.48 -26.64 -6.58
N ALA B 287 17.45 -27.51 -6.72
CA ALA B 287 18.16 -28.07 -5.58
C ALA B 287 18.79 -26.95 -4.76
N GLN B 288 19.38 -25.98 -5.44
CA GLN B 288 20.04 -24.84 -4.80
C GLN B 288 19.04 -23.95 -4.06
N HIS B 289 17.89 -23.66 -4.69
CA HIS B 289 16.89 -22.83 -4.03
C HIS B 289 16.22 -23.57 -2.88
N THR B 290 16.11 -24.88 -3.02
CA THR B 290 15.50 -25.67 -1.95
C THR B 290 16.45 -25.56 -0.75
N GLN B 291 17.75 -25.48 -1.01
N GLN B 291 17.75 -25.49 -1.02
CA GLN B 291 18.75 -25.36 0.05
CA GLN B 291 18.73 -25.34 0.04
C GLN B 291 18.55 -24.03 0.78
C GLN B 291 18.55 -24.03 0.79
N ARG B 292 18.34 -22.95 0.03
CA ARG B 292 18.11 -21.64 0.64
C ARG B 292 16.87 -21.67 1.51
N LEU B 293 15.82 -22.33 1.02
CA LEU B 293 14.55 -22.42 1.77
C LEU B 293 14.71 -23.05 3.16
N LEU B 294 15.39 -24.18 3.23
CA LEU B 294 15.59 -24.86 4.51
C LEU B 294 16.43 -23.99 5.44
N ARG B 295 17.45 -23.37 4.87
CA ARG B 295 18.36 -22.48 5.58
C ARG B 295 17.56 -21.37 6.27
N ILE B 296 16.75 -20.67 5.49
CA ILE B 296 15.93 -19.60 6.01
C ILE B 296 14.92 -20.14 7.03
N GLN B 297 14.30 -21.26 6.70
CA GLN B 297 13.31 -21.88 7.57
C GLN B 297 13.93 -22.22 8.92
N ASP B 298 15.18 -22.68 8.87
CA ASP B 298 15.93 -23.07 10.06
C ASP B 298 15.98 -21.92 11.06
N ILE B 299 16.26 -20.72 10.56
CA ILE B 299 16.36 -19.52 11.38
C ILE B 299 15.05 -18.75 11.55
N HIS B 300 14.32 -18.59 10.46
CA HIS B 300 13.06 -17.85 10.48
C HIS B 300 11.97 -18.68 9.79
N PRO B 301 11.31 -19.57 10.54
CA PRO B 301 10.25 -20.42 10.01
C PRO B 301 9.11 -19.63 9.40
N PHE B 302 8.64 -20.06 8.24
CA PHE B 302 7.56 -19.36 7.56
C PHE B 302 6.87 -20.22 6.49
N ALA B 303 7.48 -21.34 6.14
CA ALA B 303 6.92 -22.22 5.12
C ALA B 303 5.53 -22.71 5.51
N THR B 304 4.64 -22.78 4.52
CA THR B 304 3.28 -23.27 4.77
C THR B 304 3.37 -24.79 4.91
N PRO B 305 2.31 -25.41 5.43
CA PRO B 305 2.34 -26.88 5.58
C PRO B 305 2.59 -27.60 4.26
N LEU B 306 1.94 -27.17 3.18
CA LEU B 306 2.16 -27.83 1.89
C LEU B 306 3.62 -27.70 1.46
N MET B 307 4.21 -26.52 1.65
CA MET B 307 5.62 -26.30 1.29
C MET B 307 6.52 -27.23 2.10
N GLN B 308 6.19 -27.41 3.38
CA GLN B 308 6.98 -28.27 4.26
C GLN B 308 7.01 -29.70 3.73
N GLU B 309 5.87 -30.15 3.21
CA GLU B 309 5.76 -31.50 2.65
C GLU B 309 6.52 -31.60 1.34
N LEU B 310 6.35 -30.60 0.48
CA LEU B 310 7.01 -30.60 -0.83
C LEU B 310 8.53 -30.52 -0.77
N PHE B 311 9.07 -29.74 0.16
CA PHE B 311 10.50 -29.57 0.25
C PHE B 311 11.21 -30.26 1.42
N GLY B 312 10.49 -31.17 2.08
CA GLY B 312 11.07 -31.92 3.18
C GLY B 312 11.48 -31.18 4.44
N ILE B 313 10.54 -30.48 5.05
CA ILE B 313 10.82 -29.73 6.27
C ILE B 313 10.13 -30.41 7.45
N SER C 7 -29.47 22.35 26.26
CA SER C 7 -29.80 21.56 25.07
C SER C 7 -28.57 21.34 24.20
N LEU C 8 -27.70 22.35 24.17
CA LEU C 8 -26.48 22.27 23.37
C LEU C 8 -25.54 21.20 23.93
N THR C 9 -25.36 21.20 25.25
CA THR C 9 -24.50 20.21 25.88
C THR C 9 -25.10 18.82 25.64
N GLU C 10 -26.42 18.74 25.79
CA GLU C 10 -27.16 17.50 25.59
C GLU C 10 -26.89 16.90 24.21
N ARG C 11 -26.78 17.77 23.20
CA ARG C 11 -26.52 17.35 21.84
C ARG C 11 -25.03 17.20 21.52
N HIS C 12 -24.18 17.39 22.52
CA HIS C 12 -22.74 17.27 22.33
C HIS C 12 -22.04 16.66 23.54
N LYS C 13 -22.46 15.45 23.91
CA LYS C 13 -21.90 14.78 25.06
C LYS C 13 -20.41 14.49 24.97
N ILE C 14 -19.94 14.07 23.80
CA ILE C 14 -18.52 13.78 23.65
C ILE C 14 -17.71 15.04 23.91
N LEU C 15 -18.05 16.11 23.18
CA LEU C 15 -17.37 17.39 23.34
C LEU C 15 -17.41 17.83 24.78
N HIS C 16 -18.58 17.72 25.39
CA HIS C 16 -18.74 18.11 26.79
C HIS C 16 -17.79 17.31 27.67
N ARG C 17 -17.74 16.00 27.47
CA ARG C 17 -16.87 15.15 28.26
C ARG C 17 -15.39 15.53 28.08
N LEU C 18 -14.97 15.71 26.84
CA LEU C 18 -13.58 16.07 26.55
C LEU C 18 -13.19 17.42 27.17
N LEU C 19 -14.13 18.35 27.26
CA LEU C 19 -13.86 19.66 27.82
C LEU C 19 -13.83 19.69 29.35
N GLN C 20 -14.32 18.62 29.98
CA GLN C 20 -14.35 18.56 31.43
C GLN C 20 -13.36 17.57 32.04
N GLU C 21 -12.19 17.44 31.42
CA GLU C 21 -11.16 16.54 31.90
C GLU C 21 -9.76 17.02 31.56
N SER D 7 6.34 -45.47 3.07
CA SER D 7 5.40 -44.77 3.94
C SER D 7 5.35 -43.27 3.59
N LEU D 8 5.53 -42.97 2.32
CA LEU D 8 5.50 -41.59 1.86
C LEU D 8 4.14 -40.95 2.14
N THR D 9 3.07 -41.69 1.92
CA THR D 9 1.72 -41.20 2.14
C THR D 9 1.51 -40.70 3.55
N GLU D 10 2.01 -41.45 4.52
CA GLU D 10 1.87 -41.11 5.93
C GLU D 10 2.61 -39.82 6.31
N ARG D 11 3.74 -39.56 5.67
CA ARG D 11 4.53 -38.36 5.96
C ARG D 11 4.15 -37.13 5.13
N HIS D 12 3.23 -37.30 4.20
CA HIS D 12 2.78 -36.20 3.35
C HIS D 12 1.24 -36.23 3.25
N LYS D 13 0.58 -36.06 4.39
CA LYS D 13 -0.88 -36.07 4.47
C LYS D 13 -1.57 -35.17 3.46
N ILE D 14 -1.10 -33.94 3.34
CA ILE D 14 -1.70 -32.99 2.43
C ILE D 14 -1.62 -33.49 0.98
N LEU D 15 -0.42 -33.81 0.51
CA LEU D 15 -0.29 -34.31 -0.86
C LEU D 15 -1.16 -35.54 -1.07
N HIS D 16 -1.18 -36.42 -0.07
CA HIS D 16 -1.99 -37.63 -0.16
C HIS D 16 -3.45 -37.24 -0.38
N ARG D 17 -3.95 -36.33 0.46
CA ARG D 17 -5.33 -35.88 0.32
C ARG D 17 -5.59 -35.24 -1.05
N LEU D 18 -4.72 -34.32 -1.46
CA LEU D 18 -4.89 -33.65 -2.74
C LEU D 18 -4.94 -34.65 -3.90
N LEU D 19 -4.07 -35.65 -3.85
CA LEU D 19 -4.03 -36.66 -4.90
C LEU D 19 -5.30 -37.51 -4.92
N GLN D 20 -5.84 -37.84 -3.75
CA GLN D 20 -7.07 -38.65 -3.69
C GLN D 20 -8.32 -37.92 -4.16
N GLU D 21 -8.39 -36.61 -3.93
CA GLU D 21 -9.58 -35.88 -4.34
C GLU D 21 -9.54 -35.46 -5.80
C1 SRL E . -7.78 18.64 3.47
C2 SRL E . -6.63 17.79 3.71
C3 SRL E . -6.44 16.85 4.82
C4 SRL E . -7.56 16.84 5.72
C5 SRL E . -8.71 17.63 5.55
C6 SRL E . -8.79 18.51 4.46
C7 SRL E . -9.80 17.55 6.48
C8 SRL E . -11.04 17.54 6.03
P9 SRL E . -12.38 17.24 7.31
P10 SRL E . -11.56 17.63 4.29
O11 SRL E . -5.64 17.86 2.83
C12 SRL E . -7.97 19.63 2.29
C13 SRL E . -5.24 15.90 5.17
C14 SRL E . -6.79 20.65 2.29
C15 SRL E . -9.33 20.36 2.41
C16 SRL E . -7.92 18.96 0.85
C17 SRL E . -5.60 15.09 6.47
C18 SRL E . -4.87 14.81 4.09
C19 SRL E . -3.95 16.75 5.45
O20 SRL E . -11.70 17.35 8.67
O21 SRL E . -12.84 15.72 7.22
C22 SRL E . -11.79 14.81 6.93
C23 SRL E . -12.32 13.36 6.87
O24 SRL E . -13.54 18.29 7.39
C25 SRL E . -14.62 17.93 8.19
C26 SRL E . -15.70 19.00 8.07
O27 SRL E . -11.42 18.89 3.59
O28 SRL E . -10.76 16.49 3.49
C29 SRL E . -11.15 16.48 2.09
C30 SRL E . -10.41 15.41 1.32
O31 SRL E . -13.06 17.08 4.20
C32 SRL E . -14.00 18.07 4.43
C33 SRL E . -15.36 17.48 4.33
C1 SRL F . 11.20 -16.27 -7.35
C2 SRL F . 10.10 -15.35 -7.56
C3 SRL F . 8.77 -15.42 -6.96
C4 SRL F . 8.61 -16.57 -6.10
C5 SRL F . 9.63 -17.51 -5.86
C6 SRL F . 10.88 -17.35 -6.48
C7 SRL F . 9.42 -18.61 -4.96
C8 SRL F . 10.39 -19.02 -4.18
P9 SRL F . 9.94 -20.34 -2.94
P10 SRL F . 12.06 -18.31 -4.08
O11 SRL F . 10.32 -14.32 -8.35
C12 SRL F . 12.61 -16.17 -7.98
C13 SRL F . 7.51 -14.49 -7.12
C14 SRL F . 12.47 -16.16 -9.54
C15 SRL F . 13.49 -17.38 -7.53
C16 SRL F . 13.41 -14.85 -7.63
C17 SRL F . 6.34 -15.05 -6.22
C18 SRL F . 7.69 -12.98 -6.69
C19 SRL F . 7.02 -14.49 -8.62
O20 SRL F . 8.47 -20.67 -3.15
O21 SRL F . 9.99 -19.71 -1.47
C22 SRL F . 8.75 -19.15 -1.05
C23 SRL F . 8.99 -18.08 0.04
O24 SRL F . 10.65 -21.73 -3.08
C25 SRL F . 10.45 -22.62 -2.02
C26 SRL F . 11.37 -23.83 -2.22
O27 SRL F . 13.10 -18.85 -4.93
O28 SRL F . 11.93 -16.73 -4.36
C29 SRL F . 13.23 -16.10 -4.34
C30 SRL F . 13.32 -15.03 -3.27
O31 SRL F . 12.50 -18.31 -2.54
C32 SRL F . 13.09 -19.51 -2.16
C33 SRL F . 13.83 -19.30 -0.90
#